data_3DVX
#
_entry.id   3DVX
#
_cell.length_a   159.979
_cell.length_b   159.979
_cell.length_c   76.888
_cell.angle_alpha   90.00
_cell.angle_beta   90.00
_cell.angle_gamma   90.00
#
_symmetry.space_group_name_H-M   'I 41 2 2'
#
loop_
_entity.id
_entity.type
_entity.pdbx_description
1 polymer 'Thiol:disulfide interchange protein DsbA'
2 non-polymer 'SULFATE ION'
3 water water
#
_entity_poly.entity_id   1
_entity_poly.type   'polypeptide(L)'
_entity_poly.pdbx_seq_one_letter_code
;GYALTEGEDYLVLDKPIPQEQSGKIEVLEFFGYFCVHCHHFDPLLLKLGKALPSDAYLRTEHVVWQPE(MSE)LGLAR
(MSE)AAAVNLSGLKYQANPAVFKAVYEQKIRLENRSVAGKWALSQKGFDGKKL(MSE)RAYDSPEAAAAALK(MSE)QK
LTEQYRIDSTPTVIVGGKYRVIFNNGFDGGVHTIKELVAKVREERKRQTPAVQK
;
_entity_poly.pdbx_strand_id   A,B
#
loop_
_chem_comp.id
_chem_comp.type
_chem_comp.name
_chem_comp.formula
SO4 non-polymer 'SULFATE ION' 'O4 S -2'
#
# COMPACT_ATOMS: atom_id res chain seq x y z
N GLY A 1 7.71 -5.70 -24.04
CA GLY A 1 8.15 -6.47 -22.85
C GLY A 1 7.69 -5.80 -21.57
N TYR A 2 8.57 -5.73 -20.57
CA TYR A 2 8.21 -5.17 -19.27
C TYR A 2 9.38 -4.47 -18.55
N ALA A 3 9.86 -3.37 -19.10
CA ALA A 3 10.95 -2.61 -18.49
C ALA A 3 10.68 -2.17 -17.05
N LEU A 4 11.72 -2.18 -16.22
CA LEU A 4 11.58 -1.76 -14.84
C LEU A 4 12.15 -0.35 -14.61
N THR A 5 11.26 0.64 -14.63
CA THR A 5 11.60 2.03 -14.38
C THR A 5 11.36 2.40 -12.91
N GLU A 6 12.39 2.96 -12.25
CA GLU A 6 12.27 3.39 -10.84
C GLU A 6 11.21 4.47 -10.68
N GLY A 7 10.72 4.67 -9.46
CA GLY A 7 9.67 5.66 -9.19
C GLY A 7 8.38 5.36 -9.93
N GLU A 8 8.28 4.15 -10.46
CA GLU A 8 7.16 3.75 -11.28
C GLU A 8 6.74 2.35 -10.84
N ASP A 9 7.64 1.40 -11.04
CA ASP A 9 7.41 0.01 -10.67
C ASP A 9 7.89 -0.24 -9.25
N TYR A 10 8.96 0.45 -8.87
CA TYR A 10 9.57 0.20 -7.58
C TYR A 10 10.31 1.42 -7.02
N LEU A 11 10.66 1.32 -5.75
CA LEU A 11 11.37 2.35 -5.04
C LEU A 11 12.59 1.71 -4.35
N VAL A 12 13.74 2.35 -4.45
CA VAL A 12 14.96 1.84 -3.84
C VAL A 12 14.91 2.18 -2.37
N LEU A 13 14.85 1.16 -1.53
CA LEU A 13 14.65 1.45 -0.13
C LEU A 13 15.75 2.38 0.32
N ASP A 14 15.34 3.28 1.21
CA ASP A 14 16.24 3.99 2.10
C ASP A 14 17.20 3.03 2.80
N LYS A 15 16.64 2.08 3.54
CA LYS A 15 17.37 1.27 4.52
C LYS A 15 17.02 -0.22 4.35
N PRO A 16 17.78 -0.92 3.49
CA PRO A 16 17.56 -2.30 3.06
C PRO A 16 17.27 -3.27 4.17
N ILE A 17 16.48 -4.31 3.88
CA ILE A 17 16.21 -5.34 4.87
C ILE A 17 17.13 -6.52 4.58
N PRO A 18 17.98 -6.87 5.56
CA PRO A 18 18.91 -7.98 5.34
C PRO A 18 18.19 -9.27 4.99
N GLN A 19 18.61 -9.90 3.91
CA GLN A 19 18.07 -11.19 3.51
C GLN A 19 18.48 -12.22 4.54
N GLU A 20 17.67 -13.27 4.70
CA GLU A 20 18.07 -14.36 5.58
C GLU A 20 18.99 -15.35 4.87
N GLN A 21 19.42 -15.04 3.64
CA GLN A 21 20.43 -15.84 2.94
C GLN A 21 21.29 -15.01 1.95
N SER A 22 22.60 -15.02 2.13
CA SER A 22 23.50 -14.57 1.06
C SER A 22 23.46 -15.61 -0.04
N GLY A 23 23.91 -15.26 -1.24
CA GLY A 23 23.98 -16.27 -2.30
C GLY A 23 22.69 -16.51 -3.08
N LYS A 24 21.52 -16.16 -2.54
CA LYS A 24 20.26 -16.23 -3.31
C LYS A 24 19.41 -14.96 -3.19
N ILE A 25 18.70 -14.65 -4.27
CA ILE A 25 17.84 -13.47 -4.33
C ILE A 25 16.54 -13.67 -3.55
N GLU A 26 16.34 -12.85 -2.51
CA GLU A 26 15.16 -12.96 -1.64
C GLU A 26 13.97 -12.14 -2.12
N VAL A 27 12.82 -12.78 -2.25
CA VAL A 27 11.56 -12.05 -2.45
C VAL A 27 10.88 -12.02 -1.10
N LEU A 28 10.68 -10.83 -0.54
CA LEU A 28 10.18 -10.68 0.81
C LEU A 28 8.78 -10.13 0.77
N GLU A 29 7.87 -10.75 1.52
CA GLU A 29 6.52 -10.20 1.63
C GLU A 29 6.08 -10.03 3.07
N PHE A 30 5.77 -8.79 3.44
CA PHE A 30 5.07 -8.52 4.69
C PHE A 30 3.58 -8.64 4.41
N PHE A 31 2.83 -9.10 5.39
CA PHE A 31 1.42 -9.35 5.21
C PHE A 31 0.75 -9.46 6.57
N GLY A 32 -0.56 -9.50 6.55
CA GLY A 32 -1.33 -9.89 7.71
C GLY A 32 -2.45 -10.79 7.25
N TYR A 33 -2.89 -11.69 8.12
CA TYR A 33 -3.97 -12.61 7.81
C TYR A 33 -5.31 -11.87 7.80
N PHE A 34 -5.31 -10.65 8.31
CA PHE A 34 -6.54 -9.87 8.43
C PHE A 34 -6.68 -8.91 7.25
N CYS A 35 -5.83 -9.08 6.25
CA CYS A 35 -5.74 -8.13 5.16
C CYS A 35 -6.32 -8.65 3.85
N VAL A 36 -7.45 -8.10 3.45
CA VAL A 36 -8.16 -8.63 2.30
C VAL A 36 -7.28 -8.69 1.05
N HIS A 37 -6.32 -7.77 0.94
CA HIS A 37 -5.46 -7.73 -0.23
C HIS A 37 -4.35 -8.77 -0.17
N CYS A 38 -3.88 -9.09 1.03
CA CYS A 38 -2.89 -10.15 1.17
C CYS A 38 -3.55 -11.48 0.83
N HIS A 39 -4.71 -11.69 1.45
CA HIS A 39 -5.54 -12.84 1.20
C HIS A 39 -5.75 -13.10 -0.28
N HIS A 40 -6.10 -12.06 -1.04
CA HIS A 40 -6.37 -12.22 -2.47
C HIS A 40 -5.10 -12.45 -3.26
N PHE A 41 -4.04 -11.77 -2.85
CA PHE A 41 -2.76 -11.78 -3.55
C PHE A 41 -1.96 -13.04 -3.24
N ASP A 42 -2.31 -13.71 -2.14
CA ASP A 42 -1.53 -14.85 -1.64
C ASP A 42 -1.44 -16.03 -2.61
N PRO A 43 -2.58 -16.51 -3.12
CA PRO A 43 -2.46 -17.56 -4.13
C PRO A 43 -1.45 -17.24 -5.23
N LEU A 44 -1.51 -16.02 -5.75
CA LEU A 44 -0.63 -15.61 -6.85
C LEU A 44 0.83 -15.55 -6.42
N LEU A 45 1.08 -15.23 -5.16
CA LEU A 45 2.42 -15.02 -4.65
C LEU A 45 3.10 -16.36 -4.40
N LEU A 46 2.34 -17.30 -3.85
CA LEU A 46 2.81 -18.67 -3.67
C LEU A 46 3.11 -19.34 -5.02
N LYS A 47 2.26 -19.10 -6.00
CA LYS A 47 2.47 -19.65 -7.31
C LYS A 47 3.81 -19.18 -7.87
N LEU A 48 4.04 -17.87 -7.83
CA LEU A 48 5.34 -17.29 -8.18
C LEU A 48 6.46 -17.93 -7.36
N GLY A 49 6.24 -18.06 -6.07
CA GLY A 49 7.20 -18.69 -5.18
C GLY A 49 7.58 -20.08 -5.67
N LYS A 50 6.58 -20.91 -5.92
CA LYS A 50 6.86 -22.27 -6.36
C LYS A 50 7.62 -22.34 -7.69
N ALA A 51 7.50 -21.31 -8.53
CA ALA A 51 8.14 -21.32 -9.86
C ALA A 51 9.48 -20.60 -9.88
N LEU A 52 9.91 -20.10 -8.73
CA LEU A 52 11.12 -19.31 -8.64
C LEU A 52 12.30 -20.23 -8.92
N PRO A 53 13.33 -19.73 -9.64
CA PRO A 53 14.44 -20.65 -9.88
C PRO A 53 15.14 -20.97 -8.57
N SER A 54 16.16 -21.82 -8.62
CA SER A 54 16.85 -22.25 -7.41
C SER A 54 17.77 -21.17 -6.82
N ASP A 55 18.01 -20.09 -7.55
CA ASP A 55 18.86 -19.00 -7.02
C ASP A 55 18.05 -17.91 -6.31
N ALA A 56 16.71 -18.03 -6.36
CA ALA A 56 15.82 -17.12 -5.65
C ALA A 56 14.84 -17.87 -4.74
N TYR A 57 14.26 -17.17 -3.77
CA TYR A 57 13.32 -17.79 -2.84
C TYR A 57 12.27 -16.80 -2.31
N LEU A 58 11.18 -17.33 -1.79
CA LEU A 58 10.15 -16.50 -1.18
C LEU A 58 10.30 -16.52 0.31
N ARG A 59 10.12 -15.35 0.91
CA ARG A 59 10.12 -15.23 2.35
C ARG A 59 8.96 -14.35 2.72
N THR A 60 8.20 -14.74 3.73
CA THR A 60 7.06 -13.95 4.15
C THR A 60 7.10 -13.68 5.65
N GLU A 61 6.77 -12.46 6.02
CA GLU A 61 6.76 -12.06 7.41
C GLU A 61 5.42 -11.42 7.73
N HIS A 62 4.96 -11.60 8.96
CA HIS A 62 3.64 -11.14 9.35
C HIS A 62 3.71 -9.90 10.25
N VAL A 63 3.26 -8.77 9.72
CA VAL A 63 3.35 -7.51 10.44
C VAL A 63 2.72 -7.64 11.82
N VAL A 64 3.36 -6.99 12.79
CA VAL A 64 2.81 -6.82 14.14
C VAL A 64 2.75 -5.33 14.46
N TRP A 65 1.52 -4.81 14.53
CA TRP A 65 1.27 -3.38 14.78
C TRP A 65 0.61 -3.16 16.13
N GLN A 66 0.19 -4.24 16.76
CA GLN A 66 -0.42 -4.15 18.09
C GLN A 66 -0.17 -5.44 18.88
N PRO A 67 0.69 -5.35 19.90
CA PRO A 67 0.89 -6.41 20.87
C PRO A 67 -0.18 -7.51 20.93
N GLU A 68 -1.46 -7.15 20.94
CA GLU A 68 -2.54 -8.14 21.04
C GLU A 68 -2.56 -9.12 19.88
N MSE A 69 -1.97 -8.74 18.76
CA MSE A 69 -2.00 -9.56 17.55
C MSE A 69 -0.65 -10.23 17.21
O MSE A 69 -0.42 -10.64 16.08
CB MSE A 69 -2.52 -8.72 16.37
CG MSE A 69 -3.95 -8.21 16.61
SE MSE A 69 -5.26 -9.66 16.85
CE MSE A 69 -6.20 -9.05 18.46
N LEU A 70 0.21 -10.37 18.21
CA LEU A 70 1.48 -11.06 18.08
C LEU A 70 1.24 -12.55 17.77
N GLY A 71 0.14 -13.08 18.31
CA GLY A 71 -0.25 -14.46 18.04
C GLY A 71 -0.50 -14.80 16.57
N LEU A 72 -1.03 -13.85 15.81
CA LEU A 72 -1.14 -14.05 14.37
C LEU A 72 0.27 -14.15 13.78
N ALA A 73 1.16 -13.29 14.28
CA ALA A 73 2.56 -13.31 13.85
C ALA A 73 3.23 -14.63 14.20
N ARG A 74 2.71 -15.26 15.25
CA ARG A 74 3.24 -16.52 15.74
C ARG A 74 2.67 -17.70 14.96
N MSE A 75 1.41 -17.57 14.55
CA MSE A 75 0.78 -18.58 13.74
C MSE A 75 1.49 -18.64 12.41
O MSE A 75 1.63 -19.71 11.83
CB MSE A 75 -0.70 -18.25 13.52
CG MSE A 75 -1.36 -19.02 12.41
SE MSE A 75 -1.22 -20.96 12.65
CE MSE A 75 -2.54 -21.18 14.09
N ALA A 76 1.95 -17.50 11.90
CA ALA A 76 2.65 -17.44 10.62
C ALA A 76 3.99 -18.12 10.77
N ALA A 77 4.60 -17.95 11.94
CA ALA A 77 5.85 -18.61 12.29
C ALA A 77 5.65 -20.11 12.29
N ALA A 78 4.56 -20.56 12.91
CA ALA A 78 4.18 -21.96 12.88
C ALA A 78 4.11 -22.45 11.44
N VAL A 79 3.21 -21.85 10.69
CA VAL A 79 2.98 -22.21 9.29
C VAL A 79 4.30 -22.44 8.56
N ASN A 80 5.23 -21.54 8.75
CA ASN A 80 6.47 -21.56 8.01
C ASN A 80 7.54 -22.49 8.63
N LEU A 81 7.76 -22.35 9.92
CA LEU A 81 8.62 -23.30 10.62
C LEU A 81 8.21 -24.74 10.30
N SER A 82 6.92 -24.98 10.08
CA SER A 82 6.41 -26.35 9.89
C SER A 82 6.54 -26.83 8.45
N GLY A 83 6.95 -25.94 7.55
CA GLY A 83 7.00 -26.25 6.13
C GLY A 83 5.63 -26.35 5.47
N LEU A 84 4.62 -25.74 6.08
CA LEU A 84 3.26 -25.89 5.61
C LEU A 84 2.70 -24.65 4.91
N LYS A 85 3.56 -23.79 4.40
CA LYS A 85 3.05 -22.59 3.77
C LYS A 85 2.05 -22.97 2.67
N TYR A 86 2.50 -23.77 1.70
CA TYR A 86 1.67 -24.15 0.57
C TYR A 86 0.38 -24.88 0.94
N GLN A 87 0.36 -25.55 2.08
CA GLN A 87 -0.84 -26.25 2.50
C GLN A 87 -1.81 -25.34 3.25
N ALA A 88 -1.29 -24.60 4.23
CA ALA A 88 -2.10 -24.02 5.29
C ALA A 88 -2.57 -22.59 5.03
N ASN A 89 -1.82 -21.84 4.23
CA ASN A 89 -2.15 -20.45 3.97
C ASN A 89 -3.62 -20.25 3.60
N PRO A 90 -4.06 -20.85 2.49
CA PRO A 90 -5.47 -20.59 2.18
C PRO A 90 -6.36 -20.75 3.41
N ALA A 91 -6.26 -21.88 4.09
CA ALA A 91 -7.10 -22.13 5.28
C ALA A 91 -6.92 -21.07 6.36
N VAL A 92 -5.68 -20.74 6.69
CA VAL A 92 -5.40 -19.76 7.76
C VAL A 92 -6.02 -18.40 7.42
N PHE A 93 -5.72 -17.87 6.24
CA PHE A 93 -6.30 -16.61 5.78
C PHE A 93 -7.80 -16.61 5.89
N LYS A 94 -8.39 -17.72 5.49
CA LYS A 94 -9.82 -17.88 5.51
C LYS A 94 -10.32 -17.71 6.94
N ALA A 95 -9.76 -18.50 7.84
CA ALA A 95 -10.17 -18.50 9.23
C ALA A 95 -10.10 -17.12 9.84
N VAL A 96 -9.04 -16.39 9.50
CA VAL A 96 -8.80 -15.05 10.06
C VAL A 96 -9.68 -14.01 9.37
N TYR A 97 -9.56 -13.91 8.05
CA TYR A 97 -10.25 -12.83 7.35
C TYR A 97 -11.73 -13.11 7.07
N GLU A 98 -12.06 -14.30 6.62
CA GLU A 98 -13.44 -14.60 6.39
C GLU A 98 -14.17 -14.99 7.65
N GLN A 99 -13.53 -15.78 8.51
CA GLN A 99 -14.27 -16.37 9.63
C GLN A 99 -14.01 -15.67 10.96
N LYS A 100 -13.16 -14.64 10.94
CA LYS A 100 -12.85 -13.87 12.15
C LYS A 100 -12.40 -14.75 13.32
N ILE A 101 -11.93 -15.95 13.02
CA ILE A 101 -11.51 -16.85 14.09
C ILE A 101 -10.24 -16.27 14.70
N ARG A 102 -10.12 -16.33 16.01
CA ARG A 102 -9.03 -15.63 16.68
C ARG A 102 -7.86 -16.59 16.89
N LEU A 103 -7.09 -16.79 15.82
CA LEU A 103 -5.97 -17.70 15.86
C LEU A 103 -4.80 -17.14 16.68
N GLU A 104 -4.82 -15.84 16.96
CA GLU A 104 -3.79 -15.28 17.83
C GLU A 104 -3.93 -15.90 19.22
N ASN A 105 -5.15 -16.33 19.53
CA ASN A 105 -5.42 -17.09 20.74
C ASN A 105 -4.99 -18.53 20.58
N ARG A 106 -4.33 -19.06 21.61
CA ARG A 106 -3.72 -20.38 21.55
C ARG A 106 -4.76 -21.51 21.70
N SER A 107 -5.69 -21.39 22.66
CA SER A 107 -6.75 -22.38 22.79
C SER A 107 -7.52 -22.50 21.47
N VAL A 108 -7.87 -21.37 20.87
CA VAL A 108 -8.60 -21.36 19.61
C VAL A 108 -7.80 -22.00 18.49
N ALA A 109 -6.53 -21.61 18.36
CA ALA A 109 -5.70 -22.11 17.28
C ALA A 109 -5.71 -23.61 17.34
N GLY A 110 -5.07 -24.15 18.38
CA GLY A 110 -4.99 -25.59 18.59
C GLY A 110 -6.27 -26.33 18.22
N LYS A 111 -7.41 -25.75 18.55
CA LYS A 111 -8.69 -26.42 18.28
C LYS A 111 -8.98 -26.46 16.77
N TRP A 112 -8.93 -25.28 16.16
CA TRP A 112 -9.06 -25.10 14.73
C TRP A 112 -8.06 -25.99 13.99
N ALA A 113 -6.79 -25.90 14.38
CA ALA A 113 -5.73 -26.62 13.68
C ALA A 113 -6.04 -28.11 13.64
N LEU A 114 -6.49 -28.66 14.77
CA LEU A 114 -6.77 -30.09 14.86
C LEU A 114 -8.11 -30.47 14.22
N SER A 115 -9.00 -29.49 14.07
CA SER A 115 -10.27 -29.69 13.38
C SER A 115 -10.06 -29.66 11.87
N GLN A 116 -8.90 -29.14 11.44
CA GLN A 116 -8.58 -29.09 10.01
C GLN A 116 -8.50 -30.49 9.42
N LYS A 117 -8.28 -30.55 8.11
CA LYS A 117 -8.45 -31.78 7.35
C LYS A 117 -7.69 -31.73 6.03
N GLY A 118 -7.14 -30.57 5.68
CA GLY A 118 -6.40 -30.41 4.42
C GLY A 118 -4.90 -30.34 4.61
N PHE A 119 -4.45 -30.47 5.85
CA PHE A 119 -3.02 -30.55 6.12
C PHE A 119 -2.85 -31.11 7.52
N ASP A 120 -1.61 -31.39 7.90
CA ASP A 120 -1.32 -31.89 9.25
C ASP A 120 -1.40 -30.75 10.27
N GLY A 121 -2.58 -30.58 10.86
CA GLY A 121 -2.79 -29.54 11.86
C GLY A 121 -2.05 -29.83 13.14
N LYS A 122 -1.71 -31.10 13.34
CA LYS A 122 -0.95 -31.54 14.51
C LYS A 122 0.47 -30.97 14.41
N LYS A 123 1.13 -31.31 13.30
CA LYS A 123 2.38 -30.68 12.92
C LYS A 123 2.40 -29.17 13.13
N LEU A 124 1.34 -28.50 12.72
CA LEU A 124 1.31 -27.06 12.80
C LEU A 124 1.42 -26.62 14.25
N MSE A 125 0.69 -27.30 15.12
CA MSE A 125 0.64 -26.92 16.51
C MSE A 125 1.91 -27.35 17.27
O MSE A 125 2.30 -26.68 18.22
CB MSE A 125 -0.60 -27.48 17.18
CG MSE A 125 -1.89 -26.87 16.64
SE MSE A 125 -1.95 -24.90 16.73
CE MSE A 125 -1.27 -24.47 14.97
N ARG A 126 2.54 -28.43 16.84
CA ARG A 126 3.87 -28.75 17.37
C ARG A 126 4.79 -27.53 17.17
N ALA A 127 4.78 -26.98 15.95
CA ALA A 127 5.60 -25.82 15.60
C ALA A 127 5.13 -24.54 16.26
N TYR A 128 3.81 -24.40 16.41
CA TYR A 128 3.24 -23.20 17.02
C TYR A 128 3.69 -23.11 18.46
N ASP A 129 3.68 -24.26 19.15
CA ASP A 129 4.19 -24.35 20.53
C ASP A 129 5.72 -24.28 20.62
N SER A 130 6.43 -24.62 19.55
CA SER A 130 7.88 -24.60 19.62
C SER A 130 8.34 -23.21 20.09
N PRO A 131 9.33 -23.15 21.01
CA PRO A 131 9.87 -21.85 21.39
C PRO A 131 10.44 -21.08 20.20
N GLU A 132 10.78 -21.78 19.13
CA GLU A 132 11.31 -21.12 17.94
C GLU A 132 10.24 -20.19 17.36
N ALA A 133 8.97 -20.61 17.48
CA ALA A 133 7.84 -19.83 16.96
C ALA A 133 7.65 -18.48 17.65
N ALA A 134 7.78 -18.47 18.97
CA ALA A 134 7.66 -17.22 19.72
C ALA A 134 8.80 -16.27 19.34
N ALA A 135 10.00 -16.83 19.23
CA ALA A 135 11.17 -16.04 18.82
C ALA A 135 10.93 -15.37 17.46
N ALA A 136 10.32 -16.10 16.54
CA ALA A 136 10.10 -15.58 15.19
C ALA A 136 9.02 -14.52 15.24
N ALA A 137 8.05 -14.70 16.14
CA ALA A 137 6.99 -13.71 16.32
C ALA A 137 7.60 -12.35 16.71
N LEU A 138 8.46 -12.36 17.73
CA LEU A 138 9.14 -11.14 18.16
C LEU A 138 10.03 -10.54 17.08
N LYS A 139 10.75 -11.36 16.33
CA LYS A 139 11.58 -10.83 15.23
C LYS A 139 10.70 -10.16 14.19
N MSE A 140 9.49 -10.68 14.04
CA MSE A 140 8.56 -10.14 13.06
C MSE A 140 8.13 -8.75 13.52
O MSE A 140 8.21 -7.79 12.75
CB MSE A 140 7.37 -11.10 12.85
CG MSE A 140 7.57 -12.16 11.75
SE MSE A 140 6.14 -13.50 11.69
CE MSE A 140 7.09 -15.10 12.28
N GLN A 141 7.71 -8.63 14.77
CA GLN A 141 7.39 -7.32 15.34
C GLN A 141 8.57 -6.36 15.18
N LYS A 142 9.77 -6.84 15.53
CA LYS A 142 10.97 -6.04 15.37
C LYS A 142 11.09 -5.57 13.92
N LEU A 143 10.98 -6.50 12.97
CA LEU A 143 11.02 -6.15 11.53
C LEU A 143 10.04 -5.03 11.12
N THR A 144 8.82 -5.11 11.64
CA THR A 144 7.78 -4.14 11.33
C THR A 144 8.22 -2.75 11.73
N GLU A 145 8.61 -2.62 12.99
CA GLU A 145 8.95 -1.32 13.55
C GLU A 145 10.24 -0.81 12.96
N GLN A 146 11.21 -1.70 12.87
CA GLN A 146 12.54 -1.33 12.45
C GLN A 146 12.54 -0.76 11.03
N TYR A 147 11.71 -1.32 10.16
CA TYR A 147 11.74 -0.95 8.77
C TYR A 147 10.48 -0.21 8.32
N ARG A 148 9.66 0.14 9.30
CA ARG A 148 8.52 1.03 9.07
C ARG A 148 7.51 0.44 8.10
N ILE A 149 7.04 -0.76 8.41
CA ILE A 149 6.08 -1.40 7.56
C ILE A 149 4.69 -0.94 8.00
N ASP A 150 4.10 -0.05 7.21
CA ASP A 150 2.81 0.57 7.54
C ASP A 150 1.72 0.22 6.53
N SER A 151 1.96 -0.78 5.70
CA SER A 151 0.92 -1.30 4.81
C SER A 151 1.27 -2.69 4.28
N THR A 152 0.25 -3.53 4.19
CA THR A 152 0.39 -4.87 3.64
C THR A 152 -0.45 -4.99 2.39
N PRO A 153 -0.01 -5.78 1.43
CA PRO A 153 1.28 -6.47 1.41
C PRO A 153 2.40 -5.55 0.96
N THR A 154 3.58 -5.72 1.54
CA THR A 154 4.76 -4.97 1.10
C THR A 154 5.73 -5.97 0.56
N VAL A 155 6.15 -5.82 -0.68
CA VAL A 155 7.09 -6.75 -1.27
C VAL A 155 8.41 -6.05 -1.58
N ILE A 156 9.48 -6.55 -0.97
CA ILE A 156 10.82 -6.07 -1.20
C ILE A 156 11.58 -7.22 -1.84
N VAL A 157 12.06 -7.01 -3.05
CA VAL A 157 12.83 -8.03 -3.75
C VAL A 157 14.33 -7.74 -3.63
N GLY A 158 15.06 -8.70 -3.07
CA GLY A 158 16.51 -8.59 -3.01
C GLY A 158 17.02 -7.61 -1.96
N GLY A 159 16.17 -7.25 -1.02
CA GLY A 159 16.58 -6.39 0.09
C GLY A 159 16.43 -4.93 -0.21
N LYS A 160 16.63 -4.52 -1.46
CA LYS A 160 16.69 -3.09 -1.79
C LYS A 160 15.63 -2.54 -2.76
N TYR A 161 14.68 -3.37 -3.18
CA TYR A 161 13.64 -2.88 -4.07
C TYR A 161 12.23 -3.11 -3.53
N ARG A 162 11.53 -2.00 -3.34
CA ARG A 162 10.16 -2.02 -2.87
C ARG A 162 9.20 -2.03 -4.06
N VAL A 163 8.27 -2.97 -4.10
CA VAL A 163 7.32 -3.04 -5.20
C VAL A 163 6.27 -1.94 -5.07
N ILE A 164 5.99 -1.26 -6.18
CA ILE A 164 4.82 -0.39 -6.25
C ILE A 164 3.77 -1.05 -7.12
N PHE A 165 2.60 -1.30 -6.54
CA PHE A 165 1.51 -1.99 -7.21
C PHE A 165 0.59 -1.03 -7.97
N ASN A 166 1.19 -0.18 -8.80
CA ASN A 166 0.44 0.78 -9.61
C ASN A 166 -0.59 0.19 -10.59
N ASN A 167 -0.46 -1.07 -10.98
CA ASN A 167 -1.59 -1.68 -11.68
C ASN A 167 -2.07 -2.97 -11.04
N GLY A 168 -2.33 -2.88 -9.75
CA GLY A 168 -2.93 -3.95 -9.00
C GLY A 168 -1.88 -4.92 -8.50
N PHE A 169 -2.25 -5.66 -7.46
CA PHE A 169 -1.39 -6.70 -6.91
C PHE A 169 -1.22 -7.82 -7.93
N ASP A 170 -2.28 -8.15 -8.66
CA ASP A 170 -2.16 -9.13 -9.73
C ASP A 170 -1.06 -8.69 -10.70
N GLY A 171 -1.00 -7.40 -10.99
CA GLY A 171 0.04 -6.86 -11.89
C GLY A 171 1.46 -6.86 -11.33
N GLY A 172 1.59 -6.99 -10.01
CA GLY A 172 2.89 -6.96 -9.34
C GLY A 172 3.68 -8.26 -9.42
N VAL A 173 3.02 -9.36 -9.76
CA VAL A 173 3.73 -10.62 -9.87
C VAL A 173 4.74 -10.53 -11.00
N HIS A 174 4.33 -10.05 -12.17
CA HIS A 174 5.27 -10.02 -13.27
C HIS A 174 6.20 -8.80 -13.16
N THR A 175 6.06 -8.03 -12.09
CA THR A 175 7.06 -7.03 -11.74
C THR A 175 8.09 -7.66 -10.80
N ILE A 176 7.62 -8.42 -9.83
CA ILE A 176 8.51 -9.11 -8.90
C ILE A 176 9.46 -10.04 -9.68
N LYS A 177 8.94 -10.68 -10.72
CA LYS A 177 9.76 -11.62 -11.51
C LYS A 177 10.88 -10.87 -12.21
N GLU A 178 10.60 -9.62 -12.59
CA GLU A 178 11.59 -8.80 -13.26
C GLU A 178 12.59 -8.23 -12.26
N LEU A 179 12.14 -7.91 -11.04
CA LEU A 179 13.05 -7.42 -10.01
C LEU A 179 14.09 -8.49 -9.68
N VAL A 180 13.70 -9.76 -9.65
CA VAL A 180 14.65 -10.83 -9.36
C VAL A 180 15.67 -10.92 -10.49
N ALA A 181 15.22 -10.64 -11.71
CA ALA A 181 16.10 -10.64 -12.87
C ALA A 181 17.08 -9.47 -12.80
N LYS A 182 16.61 -8.37 -12.20
CA LYS A 182 17.39 -7.16 -12.08
C LYS A 182 18.49 -7.38 -11.05
N VAL A 183 18.14 -7.98 -9.92
CA VAL A 183 19.10 -8.29 -8.87
C VAL A 183 20.08 -9.35 -9.35
N ARG A 184 19.60 -10.32 -10.11
CA ARG A 184 20.48 -11.35 -10.64
C ARG A 184 21.55 -10.71 -11.50
N GLU A 185 21.15 -9.86 -12.44
CA GLU A 185 22.13 -9.16 -13.30
C GLU A 185 23.07 -8.26 -12.52
N GLU A 186 22.59 -7.71 -11.41
CA GLU A 186 23.42 -6.88 -10.55
C GLU A 186 24.43 -7.73 -9.81
N ARG A 187 24.02 -8.92 -9.40
CA ARG A 187 24.93 -9.87 -8.74
C ARG A 187 26.00 -10.41 -9.70
N LYS A 188 25.60 -10.78 -10.92
CA LYS A 188 26.45 -11.51 -11.88
C LYS A 188 27.88 -10.97 -12.09
N ARG A 189 28.84 -11.90 -12.19
CA ARG A 189 30.26 -11.58 -12.30
C ARG A 189 30.78 -11.53 -13.74
N GLN A 190 31.97 -10.95 -13.93
CA GLN A 190 32.58 -10.73 -15.26
C GLN A 190 33.82 -11.59 -15.55
N THR A 191 34.79 -11.03 -16.29
CA THR A 191 35.91 -11.83 -16.80
C THR A 191 37.25 -11.12 -16.73
N TYR B 2 -18.58 0.38 19.12
CA TYR B 2 -18.12 -0.99 18.81
C TYR B 2 -16.64 -1.04 18.37
N ALA B 3 -16.21 -0.03 17.60
CA ALA B 3 -14.80 0.19 17.26
C ALA B 3 -14.28 1.34 18.14
N LEU B 4 -13.13 1.97 17.86
CA LEU B 4 -12.31 1.84 16.67
C LEU B 4 -10.85 1.79 17.15
N THR B 5 -10.14 0.73 16.78
CA THR B 5 -8.89 0.35 17.44
C THR B 5 -7.61 0.63 16.63
N GLU B 6 -6.52 1.03 17.30
CA GLU B 6 -5.25 1.37 16.62
C GLU B 6 -4.43 0.13 16.26
N GLY B 7 -3.88 0.13 15.05
CA GLY B 7 -3.10 -1.00 14.56
C GLY B 7 -3.97 -1.91 13.72
N GLU B 8 -5.28 -1.68 13.81
CA GLU B 8 -6.27 -2.39 13.01
C GLU B 8 -6.74 -1.47 11.89
N ASP B 9 -7.19 -0.28 12.29
CA ASP B 9 -7.86 0.63 11.39
C ASP B 9 -7.01 1.84 10.97
N TYR B 10 -5.95 2.12 11.72
CA TYR B 10 -5.04 3.23 11.43
C TYR B 10 -3.75 3.15 12.21
N LEU B 11 -2.75 3.91 11.77
CA LEU B 11 -1.47 3.97 12.44
C LEU B 11 -1.15 5.43 12.75
N VAL B 12 -0.83 5.72 14.01
CA VAL B 12 -0.52 7.09 14.45
C VAL B 12 0.87 7.49 13.99
N LEU B 13 0.96 8.23 12.88
CA LEU B 13 2.27 8.44 12.25
C LEU B 13 3.29 9.21 13.10
N ASP B 14 4.40 8.53 13.36
CA ASP B 14 5.63 9.14 13.89
C ASP B 14 5.60 10.66 13.94
N LYS B 15 5.75 11.30 12.79
CA LYS B 15 5.72 12.76 12.71
C LYS B 15 4.56 13.23 11.81
N PRO B 16 3.51 13.83 12.41
CA PRO B 16 2.34 14.36 11.71
C PRO B 16 2.65 15.18 10.45
N ILE B 17 1.74 15.13 9.48
CA ILE B 17 1.77 16.06 8.36
C ILE B 17 0.96 17.28 8.77
N PRO B 18 1.48 18.49 8.51
CA PRO B 18 0.73 19.65 8.91
C PRO B 18 -0.39 19.96 7.92
N GLN B 19 -1.58 20.26 8.44
CA GLN B 19 -2.73 20.56 7.60
C GLN B 19 -2.53 21.84 6.80
N GLU B 20 -3.49 22.16 5.96
CA GLU B 20 -3.48 23.43 5.25
C GLU B 20 -4.59 24.34 5.75
N GLN B 21 -5.21 23.97 6.87
CA GLN B 21 -6.29 24.75 7.45
C GLN B 21 -6.57 24.33 8.89
N SER B 22 -5.79 24.87 9.82
CA SER B 22 -6.13 24.77 11.22
C SER B 22 -7.56 25.30 11.36
N GLY B 23 -8.41 24.51 12.00
CA GLY B 23 -9.81 24.91 12.19
C GLY B 23 -10.76 23.77 11.91
N LYS B 24 -10.60 23.17 10.73
CA LYS B 24 -11.39 22.00 10.31
C LYS B 24 -10.55 20.73 10.40
N ILE B 25 -11.24 19.59 10.37
CA ILE B 25 -10.58 18.30 10.36
C ILE B 25 -10.18 17.98 8.93
N GLU B 26 -8.88 17.82 8.67
CA GLU B 26 -8.42 17.51 7.32
C GLU B 26 -8.47 16.02 7.04
N VAL B 27 -9.00 15.68 5.87
CA VAL B 27 -8.81 14.36 5.26
C VAL B 27 -7.88 14.55 4.07
N LEU B 28 -6.65 14.06 4.17
CA LEU B 28 -5.66 14.24 3.09
C LEU B 28 -5.40 12.91 2.39
N GLU B 29 -5.26 12.95 1.06
CA GLU B 29 -5.02 11.76 0.28
C GLU B 29 -3.87 11.93 -0.69
N PHE B 30 -2.85 11.09 -0.55
CA PHE B 30 -1.83 11.03 -1.57
C PHE B 30 -2.25 10.01 -2.60
N PHE B 31 -2.07 10.34 -3.87
CA PHE B 31 -2.49 9.50 -4.98
C PHE B 31 -1.60 9.66 -6.19
N GLY B 32 -1.98 8.98 -7.27
CA GLY B 32 -1.34 9.17 -8.56
C GLY B 32 -2.27 8.73 -9.69
N TYR B 33 -2.23 9.44 -10.80
CA TYR B 33 -3.07 9.12 -11.94
C TYR B 33 -2.65 7.81 -12.59
N PHE B 34 -1.45 7.33 -12.29
CA PHE B 34 -0.99 6.05 -12.83
C PHE B 34 -1.35 4.90 -11.89
N CYS B 35 -2.19 5.17 -10.91
CA CYS B 35 -2.54 4.18 -9.93
C CYS B 35 -3.98 3.65 -10.12
N VAL B 36 -4.08 2.35 -10.35
CA VAL B 36 -5.36 1.70 -10.54
C VAL B 36 -6.23 1.80 -9.29
N HIS B 37 -5.66 1.44 -8.15
CA HIS B 37 -6.37 1.55 -6.89
C HIS B 37 -6.87 2.98 -6.69
N CYS B 38 -6.04 3.97 -7.01
CA CYS B 38 -6.50 5.35 -6.96
C CYS B 38 -7.68 5.61 -7.89
N HIS B 39 -7.50 5.26 -9.15
CA HIS B 39 -8.56 5.40 -10.15
C HIS B 39 -9.90 4.85 -9.65
N HIS B 40 -9.88 3.68 -9.03
CA HIS B 40 -11.10 3.04 -8.56
C HIS B 40 -11.60 3.61 -7.26
N PHE B 41 -10.69 4.09 -6.42
CA PHE B 41 -11.06 4.67 -5.13
C PHE B 41 -11.60 6.09 -5.26
N ASP B 42 -11.03 6.87 -6.17
CA ASP B 42 -11.40 8.27 -6.35
C ASP B 42 -12.91 8.62 -6.19
N PRO B 43 -13.80 7.97 -6.95
CA PRO B 43 -15.21 8.37 -6.90
C PRO B 43 -15.86 8.15 -5.53
N LEU B 44 -15.38 7.14 -4.82
CA LEU B 44 -15.81 6.86 -3.44
C LEU B 44 -15.26 7.94 -2.51
N LEU B 45 -14.11 8.49 -2.89
CA LEU B 45 -13.44 9.47 -2.06
C LEU B 45 -14.12 10.80 -2.32
N LEU B 46 -14.13 11.23 -3.58
CA LEU B 46 -14.81 12.47 -3.93
C LEU B 46 -16.27 12.48 -3.42
N LYS B 47 -16.94 11.34 -3.43
CA LYS B 47 -18.31 11.32 -2.91
C LYS B 47 -18.30 11.69 -1.44
N LEU B 48 -17.30 11.20 -0.72
CA LEU B 48 -17.13 11.55 0.67
C LEU B 48 -16.83 13.05 0.81
N GLY B 49 -15.86 13.54 0.05
CA GLY B 49 -15.50 14.95 0.05
C GLY B 49 -16.69 15.91 0.08
N LYS B 50 -17.62 15.75 -0.85
CA LYS B 50 -18.85 16.57 -0.85
C LYS B 50 -19.65 16.37 0.45
N ALA B 51 -19.83 15.11 0.84
CA ALA B 51 -20.56 14.78 2.06
C ALA B 51 -19.96 15.46 3.30
N LEU B 52 -18.65 15.57 3.38
CA LEU B 52 -17.99 16.10 4.58
C LEU B 52 -18.76 17.28 5.15
N PRO B 53 -19.03 17.27 6.47
CA PRO B 53 -19.55 18.47 7.12
C PRO B 53 -18.60 19.65 6.96
N SER B 54 -19.09 20.86 7.22
CA SER B 54 -18.31 22.09 7.05
C SER B 54 -16.99 22.05 7.83
N ASP B 55 -16.99 21.41 9.00
CA ASP B 55 -15.80 21.35 9.85
C ASP B 55 -14.77 20.31 9.39
N ALA B 56 -14.97 19.76 8.19
CA ALA B 56 -13.97 18.90 7.58
C ALA B 56 -13.90 19.19 6.08
N TYR B 57 -12.81 18.74 5.46
CA TYR B 57 -12.59 18.99 4.05
C TYR B 57 -11.57 18.00 3.49
N LEU B 58 -11.66 17.75 2.18
CA LEU B 58 -10.81 16.78 1.51
C LEU B 58 -9.65 17.44 0.79
N ARG B 59 -8.44 17.19 1.28
CA ARG B 59 -7.23 17.58 0.58
C ARG B 59 -6.72 16.36 -0.18
N THR B 60 -6.13 16.59 -1.33
CA THR B 60 -5.54 15.53 -2.13
C THR B 60 -4.25 16.02 -2.79
N GLU B 61 -3.24 15.17 -2.80
CA GLU B 61 -1.92 15.56 -3.25
C GLU B 61 -1.31 14.44 -4.08
N HIS B 62 -0.65 14.78 -5.17
CA HIS B 62 -0.22 13.79 -6.14
C HIS B 62 1.26 13.41 -6.01
N VAL B 63 1.53 12.34 -5.27
CA VAL B 63 2.89 11.87 -5.03
C VAL B 63 3.81 12.15 -6.21
N VAL B 64 5.02 12.61 -5.91
CA VAL B 64 6.08 12.66 -6.91
C VAL B 64 7.21 11.74 -6.46
N TRP B 65 7.69 10.89 -7.38
CA TRP B 65 8.70 9.85 -7.12
C TRP B 65 9.77 9.85 -8.19
N GLN B 66 9.40 10.20 -9.41
CA GLN B 66 10.39 10.40 -10.46
C GLN B 66 10.25 11.82 -10.99
N PRO B 67 11.33 12.60 -10.91
CA PRO B 67 11.45 13.96 -11.44
C PRO B 67 10.80 14.22 -12.81
N GLU B 68 10.22 13.21 -13.45
CA GLU B 68 9.48 13.45 -14.68
C GLU B 68 8.00 13.21 -14.50
N MSE B 69 7.55 13.07 -13.26
CA MSE B 69 6.13 12.92 -12.99
C MSE B 69 5.60 14.14 -12.26
O MSE B 69 4.53 14.10 -11.65
CB MSE B 69 5.81 11.62 -12.21
CG MSE B 69 6.23 11.59 -10.74
SE MSE B 69 5.54 10.03 -9.71
CE MSE B 69 5.97 8.60 -10.99
N LEU B 70 6.36 15.24 -12.33
CA LEU B 70 5.89 16.53 -11.81
C LEU B 70 4.77 17.02 -12.71
N GLY B 71 4.95 16.83 -14.01
CA GLY B 71 3.91 17.13 -14.97
C GLY B 71 2.53 16.74 -14.43
N LEU B 72 2.42 15.52 -13.91
CA LEU B 72 1.14 15.05 -13.37
C LEU B 72 0.76 15.81 -12.10
N ALA B 73 1.75 16.10 -11.27
CA ALA B 73 1.51 16.87 -10.04
C ALA B 73 0.98 18.26 -10.37
N ARG B 74 1.48 18.81 -11.46
CA ARG B 74 1.02 20.11 -11.92
C ARG B 74 -0.44 20.00 -12.38
N MSE B 75 -0.75 18.90 -13.07
CA MSE B 75 -2.12 18.62 -13.47
C MSE B 75 -3.01 18.40 -12.24
O MSE B 75 -4.21 18.62 -12.30
CB MSE B 75 -2.15 17.42 -14.41
CG MSE B 75 -3.53 17.06 -14.93
SE MSE B 75 -4.34 18.41 -16.09
CE MSE B 75 -3.41 17.99 -17.76
N ALA B 76 -2.42 17.97 -11.13
CA ALA B 76 -3.15 17.82 -9.88
C ALA B 76 -3.34 19.20 -9.28
N ALA B 77 -2.27 19.98 -9.31
CA ALA B 77 -2.30 21.37 -8.89
C ALA B 77 -3.39 22.12 -9.65
N ALA B 78 -3.30 22.10 -10.97
CA ALA B 78 -4.28 22.74 -11.83
C ALA B 78 -5.71 22.30 -11.50
N VAL B 79 -5.98 21.01 -11.58
CA VAL B 79 -7.34 20.49 -11.31
C VAL B 79 -7.86 21.03 -9.98
N ASN B 80 -7.00 21.03 -8.98
CA ASN B 80 -7.38 21.50 -7.66
C ASN B 80 -7.64 23.00 -7.61
N LEU B 81 -6.64 23.76 -8.05
CA LEU B 81 -6.75 25.21 -8.14
C LEU B 81 -7.95 25.58 -9.01
N SER B 82 -8.11 24.90 -10.14
CA SER B 82 -9.17 25.22 -11.08
C SER B 82 -10.56 24.93 -10.52
N GLY B 83 -10.59 24.29 -9.36
CA GLY B 83 -11.84 23.93 -8.69
C GLY B 83 -12.61 22.81 -9.36
N LEU B 84 -12.02 22.19 -10.39
CA LEU B 84 -12.71 21.21 -11.25
C LEU B 84 -12.46 19.73 -10.90
N LYS B 85 -11.95 19.45 -9.71
CA LYS B 85 -11.55 18.09 -9.35
C LYS B 85 -12.73 17.09 -9.41
N TYR B 86 -13.93 17.55 -9.09
CA TYR B 86 -15.11 16.68 -9.16
C TYR B 86 -15.50 16.30 -10.58
N GLN B 87 -15.02 17.07 -11.55
CA GLN B 87 -15.45 16.93 -12.94
C GLN B 87 -14.30 16.56 -13.86
N ALA B 88 -13.10 16.96 -13.49
CA ALA B 88 -11.92 16.64 -14.27
C ALA B 88 -11.41 15.23 -13.94
N ASN B 89 -11.50 14.86 -12.65
CA ASN B 89 -10.90 13.61 -12.15
C ASN B 89 -11.14 12.39 -13.01
N PRO B 90 -12.40 11.95 -13.11
CA PRO B 90 -12.52 10.70 -13.84
C PRO B 90 -11.86 10.79 -15.21
N ALA B 91 -12.10 11.88 -15.92
CA ALA B 91 -11.53 12.04 -17.26
C ALA B 91 -9.99 12.10 -17.23
N VAL B 92 -9.43 12.76 -16.22
CA VAL B 92 -7.97 12.87 -16.13
C VAL B 92 -7.37 11.51 -15.87
N PHE B 93 -7.95 10.78 -14.91
CA PHE B 93 -7.53 9.42 -14.61
C PHE B 93 -7.62 8.54 -15.83
N LYS B 94 -8.79 8.50 -16.46
CA LYS B 94 -9.01 7.63 -17.60
C LYS B 94 -7.94 7.87 -18.67
N ALA B 95 -7.48 9.11 -18.75
CA ALA B 95 -6.59 9.55 -19.80
C ALA B 95 -5.19 9.06 -19.51
N VAL B 96 -4.81 9.11 -18.25
CA VAL B 96 -3.48 8.66 -17.83
C VAL B 96 -3.43 7.13 -17.77
N TYR B 97 -4.23 6.52 -16.91
CA TYR B 97 -4.13 5.08 -16.66
C TYR B 97 -4.66 4.20 -17.79
N GLU B 98 -5.88 4.45 -18.27
CA GLU B 98 -6.43 3.61 -19.35
C GLU B 98 -5.83 3.94 -20.71
N GLN B 99 -5.90 5.22 -21.07
CA GLN B 99 -5.61 5.66 -22.43
C GLN B 99 -4.17 6.05 -22.69
N LYS B 100 -3.36 6.14 -21.64
CA LYS B 100 -1.90 6.30 -21.76
C LYS B 100 -1.49 7.64 -22.38
N ILE B 101 -2.38 8.61 -22.26
CA ILE B 101 -2.12 9.94 -22.79
C ILE B 101 -1.18 10.62 -21.82
N ARG B 102 -0.14 11.25 -22.35
CA ARG B 102 0.93 11.72 -21.48
C ARG B 102 0.73 13.18 -21.08
N LEU B 103 -0.04 13.37 -20.03
CA LEU B 103 -0.25 14.69 -19.50
C LEU B 103 0.95 15.01 -18.60
N GLU B 104 1.89 14.06 -18.51
CA GLU B 104 3.21 14.33 -17.97
C GLU B 104 3.78 15.52 -18.76
N ASN B 105 3.56 15.50 -20.08
CA ASN B 105 4.07 16.51 -21.02
C ASN B 105 3.09 17.66 -21.28
N ARG B 106 3.54 18.88 -21.01
CA ARG B 106 2.66 20.08 -20.97
C ARG B 106 1.86 20.32 -22.25
N SER B 107 2.55 20.30 -23.38
CA SER B 107 1.90 20.49 -24.68
C SER B 107 0.66 19.61 -24.73
N VAL B 108 0.88 18.29 -24.68
CA VAL B 108 -0.19 17.29 -24.68
C VAL B 108 -1.31 17.66 -23.70
N ALA B 109 -0.95 17.94 -22.45
CA ALA B 109 -1.93 18.30 -21.44
C ALA B 109 -2.87 19.39 -21.96
N GLY B 110 -2.31 20.46 -22.52
CA GLY B 110 -3.11 21.58 -23.02
C GLY B 110 -4.04 21.19 -24.17
N LYS B 111 -3.47 20.62 -25.22
CA LYS B 111 -4.24 20.18 -26.38
C LYS B 111 -5.27 19.13 -25.98
N TRP B 112 -5.01 18.43 -24.88
CA TRP B 112 -6.00 17.49 -24.34
C TRP B 112 -7.06 18.31 -23.62
N ALA B 113 -6.62 19.12 -22.67
CA ALA B 113 -7.53 19.92 -21.86
C ALA B 113 -8.59 20.62 -22.69
N LEU B 114 -8.16 21.25 -23.78
CA LEU B 114 -9.09 21.98 -24.65
C LEU B 114 -10.00 21.01 -25.45
N SER B 115 -9.48 19.82 -25.75
CA SER B 115 -10.25 18.82 -26.49
C SER B 115 -11.42 18.29 -25.66
N GLN B 116 -11.24 18.28 -24.34
CA GLN B 116 -12.27 17.73 -23.44
C GLN B 116 -13.61 18.39 -23.66
N LYS B 117 -14.66 17.70 -23.24
CA LYS B 117 -16.02 18.07 -23.53
C LYS B 117 -16.91 17.91 -22.31
N GLY B 118 -16.29 17.69 -21.15
CA GLY B 118 -17.05 17.37 -19.95
C GLY B 118 -16.91 18.39 -18.86
N PHE B 119 -16.08 19.39 -19.11
CA PHE B 119 -15.80 20.43 -18.14
C PHE B 119 -14.97 21.47 -18.86
N ASP B 120 -14.85 22.64 -18.25
CA ASP B 120 -14.19 23.76 -18.91
C ASP B 120 -12.83 23.40 -19.53
N GLY B 121 -11.77 23.38 -18.74
CA GLY B 121 -10.48 23.00 -19.29
C GLY B 121 -9.81 24.15 -20.00
N LYS B 122 -10.60 25.16 -20.34
CA LYS B 122 -10.07 26.48 -20.58
C LYS B 122 -9.64 26.95 -19.20
N LYS B 123 -10.52 26.81 -18.21
CA LYS B 123 -10.18 27.14 -16.83
C LYS B 123 -8.98 26.34 -16.36
N LEU B 124 -9.06 25.02 -16.54
CA LEU B 124 -8.01 24.14 -16.06
C LEU B 124 -6.65 24.62 -16.55
N MSE B 125 -6.52 24.81 -17.87
CA MSE B 125 -5.25 25.26 -18.43
C MSE B 125 -4.83 26.62 -17.89
O MSE B 125 -3.64 26.89 -17.75
CB MSE B 125 -5.29 25.25 -19.96
CG MSE B 125 -5.11 23.86 -20.56
SE MSE B 125 -3.94 22.72 -19.46
CE MSE B 125 -2.17 23.35 -19.99
N ARG B 126 -5.81 27.46 -17.58
CA ARG B 126 -5.50 28.73 -16.92
C ARG B 126 -4.86 28.44 -15.57
N ALA B 127 -5.55 27.72 -14.70
CA ALA B 127 -4.96 27.33 -13.42
C ALA B 127 -3.62 26.63 -13.66
N TYR B 128 -3.60 25.74 -14.64
CA TYR B 128 -2.40 24.95 -14.93
C TYR B 128 -1.18 25.86 -15.16
N ASP B 129 -1.36 26.89 -15.98
CA ASP B 129 -0.25 27.74 -16.35
C ASP B 129 0.07 28.80 -15.27
N SER B 130 -0.52 28.66 -14.08
CA SER B 130 -0.34 29.66 -13.01
C SER B 130 0.90 29.39 -12.16
N PRO B 131 1.42 30.42 -11.47
CA PRO B 131 2.58 30.25 -10.60
C PRO B 131 2.19 29.47 -9.36
N GLU B 132 0.92 29.55 -9.00
CA GLU B 132 0.38 28.70 -7.95
C GLU B 132 0.53 27.23 -8.36
N ALA B 133 0.02 26.89 -9.54
CA ALA B 133 0.11 25.53 -10.04
C ALA B 133 1.54 25.00 -9.98
N ALA B 134 2.45 25.66 -10.68
CA ALA B 134 3.86 25.25 -10.73
C ALA B 134 4.48 25.10 -9.32
N ALA B 135 3.94 25.83 -8.34
CA ALA B 135 4.43 25.73 -6.98
C ALA B 135 3.82 24.53 -6.28
N ALA B 136 2.53 24.31 -6.51
CA ALA B 136 1.82 23.17 -5.94
C ALA B 136 2.54 21.85 -6.28
N ALA B 137 3.03 21.74 -7.51
CA ALA B 137 3.77 20.57 -7.95
C ALA B 137 5.03 20.33 -7.12
N LEU B 138 5.98 21.26 -7.17
CA LEU B 138 7.24 21.08 -6.43
C LEU B 138 6.96 20.93 -4.93
N LYS B 139 5.78 21.36 -4.51
CA LYS B 139 5.34 21.17 -3.14
C LYS B 139 5.00 19.69 -2.93
N MSE B 140 4.09 19.18 -3.76
CA MSE B 140 3.67 17.79 -3.70
C MSE B 140 4.89 16.89 -3.62
O MSE B 140 5.00 16.04 -2.76
CB MSE B 140 2.84 17.44 -4.93
CG MSE B 140 1.39 17.81 -4.81
SE MSE B 140 0.44 17.88 -6.53
CE MSE B 140 -1.27 18.54 -5.84
N GLN B 141 5.82 17.12 -4.54
CA GLN B 141 7.08 16.41 -4.54
C GLN B 141 7.77 16.53 -3.19
N LYS B 142 7.77 17.72 -2.62
CA LYS B 142 8.46 17.95 -1.36
C LYS B 142 7.85 17.03 -0.29
N LEU B 143 6.52 17.08 -0.16
CA LEU B 143 5.80 16.26 0.82
C LEU B 143 6.05 14.75 0.67
N THR B 144 6.23 14.29 -0.56
CA THR B 144 6.50 12.89 -0.81
C THR B 144 7.77 12.45 -0.09
N GLU B 145 8.91 13.02 -0.50
CA GLU B 145 10.20 12.73 0.08
C GLU B 145 10.20 13.03 1.56
N GLN B 146 9.78 14.24 1.91
CA GLN B 146 9.79 14.63 3.31
C GLN B 146 9.03 13.64 4.18
N TYR B 147 7.88 13.18 3.71
CA TYR B 147 7.01 12.36 4.57
C TYR B 147 6.94 10.88 4.18
N ARG B 148 7.91 10.43 3.40
CA ARG B 148 8.05 9.00 3.11
C ARG B 148 6.74 8.38 2.63
N ILE B 149 6.07 9.07 1.73
CA ILE B 149 4.93 8.51 1.01
C ILE B 149 5.53 7.57 -0.03
N ASP B 150 5.21 6.29 0.01
CA ASP B 150 5.76 5.34 -0.97
C ASP B 150 4.76 4.29 -1.46
N SER B 151 3.48 4.64 -1.41
CA SER B 151 2.42 3.77 -1.92
C SER B 151 1.16 4.59 -1.98
N THR B 152 0.34 4.30 -2.98
CA THR B 152 -0.90 5.02 -3.14
C THR B 152 -2.04 4.05 -3.35
N PRO B 153 -3.22 4.41 -2.85
CA PRO B 153 -3.43 5.65 -2.13
C PRO B 153 -3.06 5.54 -0.66
N THR B 154 -2.53 6.62 -0.10
CA THR B 154 -2.27 6.75 1.33
C THR B 154 -3.23 7.79 1.88
N VAL B 155 -3.92 7.48 2.97
CA VAL B 155 -4.90 8.41 3.50
C VAL B 155 -4.62 8.76 4.97
N ILE B 156 -4.21 10.01 5.16
CA ILE B 156 -3.98 10.54 6.48
C ILE B 156 -5.15 11.43 6.87
N VAL B 157 -5.79 11.13 7.99
CA VAL B 157 -6.90 11.96 8.48
C VAL B 157 -6.40 12.98 9.50
N GLY B 158 -5.83 14.06 8.99
CA GLY B 158 -5.64 15.31 9.73
C GLY B 158 -4.97 15.26 11.10
N GLY B 159 -3.66 15.36 11.14
CA GLY B 159 -2.78 15.11 9.99
C GLY B 159 -1.81 14.12 10.58
N LYS B 160 -2.40 13.19 11.35
CA LYS B 160 -1.64 12.32 12.23
C LYS B 160 -2.10 10.86 12.19
N TYR B 161 -3.28 10.63 11.63
CA TYR B 161 -3.82 9.29 11.50
C TYR B 161 -3.73 8.74 10.07
N ARG B 162 -3.02 7.63 9.91
CA ARG B 162 -2.79 7.00 8.60
C ARG B 162 -3.71 5.80 8.47
N VAL B 163 -4.55 5.80 7.46
CA VAL B 163 -5.57 4.77 7.30
C VAL B 163 -4.95 3.43 6.86
N ILE B 164 -5.49 2.35 7.41
CA ILE B 164 -5.12 1.01 6.98
C ILE B 164 -6.34 0.33 6.35
N PHE B 165 -6.23 0.03 5.06
CA PHE B 165 -7.33 -0.55 4.30
C PHE B 165 -7.28 -2.06 4.33
N ASN B 166 -7.29 -2.64 5.52
CA ASN B 166 -7.11 -4.07 5.64
C ASN B 166 -8.34 -4.84 5.19
N ASN B 167 -9.39 -4.14 4.80
CA ASN B 167 -10.47 -4.80 4.10
C ASN B 167 -11.02 -3.96 2.95
N GLY B 168 -10.09 -3.52 2.10
CA GLY B 168 -10.42 -2.92 0.83
C GLY B 168 -10.50 -1.43 0.88
N PHE B 169 -10.16 -0.79 -0.23
CA PHE B 169 -10.26 0.65 -0.33
C PHE B 169 -11.70 1.09 -0.23
N ASP B 170 -12.63 0.29 -0.76
CA ASP B 170 -14.05 0.56 -0.50
C ASP B 170 -14.37 0.63 1.01
N GLY B 171 -13.73 -0.22 1.81
CA GLY B 171 -13.95 -0.24 3.25
C GLY B 171 -13.41 0.99 3.96
N GLY B 172 -12.47 1.69 3.34
CA GLY B 172 -11.81 2.82 3.97
C GLY B 172 -12.60 4.11 4.13
N VAL B 173 -13.69 4.26 3.38
CA VAL B 173 -14.53 5.45 3.51
C VAL B 173 -15.15 5.46 4.91
N HIS B 174 -15.63 4.30 5.35
CA HIS B 174 -16.17 4.13 6.69
C HIS B 174 -15.14 4.48 7.77
N THR B 175 -13.90 4.03 7.60
CA THR B 175 -12.85 4.29 8.58
C THR B 175 -12.48 5.78 8.58
N ILE B 176 -12.39 6.39 7.40
CA ILE B 176 -12.10 7.82 7.34
C ILE B 176 -13.19 8.57 8.10
N LYS B 177 -14.44 8.14 7.94
CA LYS B 177 -15.54 8.76 8.64
C LYS B 177 -15.42 8.61 10.16
N GLU B 178 -14.88 7.50 10.65
CA GLU B 178 -14.72 7.36 12.10
C GLU B 178 -13.52 8.18 12.58
N LEU B 179 -12.61 8.48 11.66
CA LEU B 179 -11.42 9.24 12.01
C LEU B 179 -11.72 10.72 12.10
N VAL B 180 -12.64 11.22 11.28
CA VAL B 180 -13.05 12.61 11.43
C VAL B 180 -13.79 12.76 12.75
N ALA B 181 -14.45 11.70 13.19
CA ALA B 181 -15.09 11.67 14.50
C ALA B 181 -14.03 11.71 15.60
N LYS B 182 -12.99 10.88 15.48
CA LYS B 182 -11.91 10.89 16.45
C LYS B 182 -11.43 12.31 16.65
N VAL B 183 -10.90 12.92 15.59
CA VAL B 183 -10.38 14.28 15.71
C VAL B 183 -11.45 15.20 16.31
N ARG B 184 -12.67 15.10 15.78
CA ARG B 184 -13.77 15.89 16.33
C ARG B 184 -13.68 15.97 17.86
N GLU B 185 -13.96 14.87 18.55
CA GLU B 185 -13.90 14.85 20.00
C GLU B 185 -12.52 15.27 20.50
N GLU B 186 -11.53 14.43 20.19
CA GLU B 186 -10.15 14.71 20.55
C GLU B 186 -9.91 16.21 20.54
N ARG B 187 -10.18 16.83 19.41
CA ARG B 187 -9.83 18.22 19.16
C ARG B 187 -10.82 19.16 19.83
S SO4 C . -5.90 -6.26 -7.68
O1 SO4 C . -4.61 -5.74 -7.23
O2 SO4 C . -6.39 -5.48 -8.81
O3 SO4 C . -5.72 -7.65 -8.05
O4 SO4 C . -6.84 -6.18 -6.56
S SO4 D . -2.33 -17.18 24.59
O1 SO4 D . -1.37 -16.12 24.86
O2 SO4 D . -2.55 -17.23 23.15
O3 SO4 D . -1.79 -18.45 25.07
O4 SO4 D . -3.61 -16.94 25.28
S SO4 E . -16.32 4.86 -18.39
O1 SO4 E . -15.50 5.55 -17.41
O2 SO4 E . -15.81 5.12 -19.73
O3 SO4 E . -16.27 3.43 -18.11
O4 SO4 E . -17.70 5.33 -18.30
S SO4 F . -10.85 -2.44 -3.41
O1 SO4 F . -10.18 -1.77 -2.31
O2 SO4 F . -9.87 -2.85 -4.41
O3 SO4 F . -11.54 -3.60 -2.86
O4 SO4 F . -11.83 -1.53 -4.02
#